data_4EDU
#
_entry.id   4EDU
#
_cell.length_a   69.949
_cell.length_b   69.949
_cell.length_c   169.609
_cell.angle_alpha   90.00
_cell.angle_beta   90.00
_cell.angle_gamma   90.00
#
_symmetry.space_group_name_H-M   'P 43 21 2'
#
loop_
_entity.id
_entity.type
_entity.pdbx_description
1 polymer 'Sex comb on midleg-like protein 2'
2 polymer 'Histone H2A.J peptide'
3 water water
#
loop_
_entity_poly.entity_id
_entity_poly.type
_entity_poly.pdbx_seq_one_letter_code
_entity_poly.pdbx_strand_id
1 'polypeptide(L)'
;QRDDFHWEEYLKETGSISAPSECFRQSQIPPVNDFKVGMKLEARDPRNATSVCIATVIGITGARLRLRLDGSDNRNDFWR
LVDSPDIQPVGTCEKEGDLLQPPLGYQMNTSSWPMFLLETLNGSEMASATLFKKEPPKPPLNNFKVGMKLEAIDKKNPYL
ICPATIGDVKGDEVHITFDGWSGAFDYWCKYDSRDIFPAGWCRLTGDVLQPPGTS
;
A
2 'polypeptide(L)' VHRLLR(MLZ)GNYAERVGA T
#
# COMPACT_ATOMS: atom_id res chain seq x y z
N ASP A 4 -18.71 13.83 -2.75
CA ASP A 4 -18.82 15.28 -3.16
C ASP A 4 -17.62 16.18 -2.69
N PHE A 5 -16.47 15.55 -2.42
CA PHE A 5 -15.16 16.26 -2.30
C PHE A 5 -14.53 16.33 -3.71
N HIS A 6 -13.92 17.46 -4.05
CA HIS A 6 -13.22 17.61 -5.35
C HIS A 6 -11.95 18.41 -5.24
N TRP A 7 -10.89 17.85 -5.83
CA TRP A 7 -9.54 18.40 -5.70
C TRP A 7 -9.38 19.87 -6.16
N GLU A 8 -9.85 20.18 -7.38
CA GLU A 8 -9.81 21.56 -7.92
C GLU A 8 -10.36 22.59 -6.91
N GLU A 9 -11.54 22.30 -6.36
CA GLU A 9 -12.22 23.23 -5.46
C GLU A 9 -11.46 23.31 -4.15
N TYR A 10 -11.06 22.14 -3.63
CA TYR A 10 -10.41 22.05 -2.34
C TYR A 10 -9.09 22.81 -2.33
N LEU A 11 -8.35 22.70 -3.44
CA LEU A 11 -7.06 23.38 -3.54
C LEU A 11 -7.28 24.88 -3.68
N LYS A 12 -8.20 25.29 -4.57
CA LYS A 12 -8.59 26.73 -4.69
C LYS A 12 -8.97 27.28 -3.28
N GLU A 13 -9.86 26.55 -2.59
CA GLU A 13 -10.32 26.93 -1.23
C GLU A 13 -9.19 27.17 -0.24
N THR A 14 -8.23 26.26 -0.19
CA THR A 14 -7.18 26.29 0.83
C THR A 14 -5.92 27.01 0.31
N GLY A 15 -6.02 27.54 -0.92
CA GLY A 15 -4.94 28.30 -1.53
C GLY A 15 -3.67 27.47 -1.57
N SER A 16 -3.77 26.27 -2.13
CA SER A 16 -2.65 25.36 -2.13
C SER A 16 -2.55 24.68 -3.45
N ILE A 17 -1.45 23.99 -3.64
CA ILE A 17 -1.24 23.22 -4.85
C ILE A 17 -1.03 21.78 -4.49
N SER A 18 -1.32 20.90 -5.46
CA SER A 18 -1.08 19.49 -5.27
C SER A 18 0.31 19.15 -5.77
N ALA A 19 0.97 18.23 -5.12
CA ALA A 19 2.27 17.81 -5.61
C ALA A 19 2.12 17.30 -7.04
N PRO A 20 3.02 17.71 -7.95
CA PRO A 20 2.94 17.12 -9.30
C PRO A 20 3.30 15.68 -9.27
N SER A 21 2.83 14.95 -10.26
CA SER A 21 2.99 13.52 -10.30
C SER A 21 4.46 13.13 -10.35
N GLU A 22 5.28 14.01 -10.89
CA GLU A 22 6.71 13.74 -11.06
C GLU A 22 7.52 13.65 -9.73
N CYS A 23 6.95 14.12 -8.61
CA CYS A 23 7.60 13.95 -7.31
C CYS A 23 7.58 12.51 -6.82
N PHE A 24 6.62 11.73 -7.29
CA PHE A 24 6.29 10.44 -6.71
C PHE A 24 6.96 9.27 -7.39
N ARG A 25 7.18 8.21 -6.62
CA ARG A 25 7.54 6.93 -7.22
C ARG A 25 6.24 6.20 -7.44
N GLN A 26 5.49 6.67 -8.44
CA GLN A 26 4.25 6.08 -8.84
C GLN A 26 4.12 6.34 -10.35
N SER A 27 3.50 5.42 -11.05
CA SER A 27 3.34 5.60 -12.48
C SER A 27 2.32 6.67 -12.75
N GLN A 28 2.55 7.48 -13.78
CA GLN A 28 1.62 8.53 -14.10
C GLN A 28 0.32 7.95 -14.61
N ILE A 29 0.44 6.86 -15.38
CA ILE A 29 -0.69 6.01 -15.65
C ILE A 29 -0.66 4.88 -14.63
N PRO A 30 -1.61 4.88 -13.68
CA PRO A 30 -1.50 3.86 -12.63
C PRO A 30 -1.66 2.47 -13.19
N PRO A 31 -1.10 1.48 -12.49
CA PRO A 31 -1.18 0.10 -12.94
C PRO A 31 -2.57 -0.50 -12.79
N VAL A 32 -2.90 -1.41 -13.71
CA VAL A 32 -4.14 -2.16 -13.67
C VAL A 32 -3.97 -3.30 -12.69
N ASN A 33 -5.04 -3.56 -11.92
CA ASN A 33 -5.03 -4.60 -10.90
C ASN A 33 -5.94 -5.67 -11.37
N ASP A 34 -5.39 -6.73 -11.91
CA ASP A 34 -6.19 -7.84 -12.44
C ASP A 34 -6.17 -9.09 -11.56
N PHE A 35 -5.71 -8.93 -10.31
CA PHE A 35 -5.74 -9.99 -9.31
C PHE A 35 -7.15 -10.29 -8.92
N LYS A 36 -7.38 -11.52 -8.48
CA LYS A 36 -8.66 -11.93 -7.96
C LYS A 36 -8.48 -12.51 -6.56
N VAL A 37 -9.45 -12.27 -5.70
CA VAL A 37 -9.49 -12.80 -4.34
C VAL A 37 -9.29 -14.27 -4.46
N GLY A 38 -8.48 -14.83 -3.56
CA GLY A 38 -8.12 -16.25 -3.61
C GLY A 38 -6.78 -16.57 -4.28
N MET A 39 -6.27 -15.70 -5.14
CA MET A 39 -4.95 -15.97 -5.77
C MET A 39 -3.84 -16.07 -4.75
N LYS A 40 -2.74 -16.68 -5.17
CA LYS A 40 -1.60 -16.91 -4.30
C LYS A 40 -0.34 -16.32 -4.84
N LEU A 41 0.49 -15.80 -3.94
CA LEU A 41 1.71 -15.17 -4.36
C LEU A 41 2.73 -15.27 -3.28
N GLU A 42 3.95 -14.84 -3.59
CA GLU A 42 4.99 -14.77 -2.59
C GLU A 42 5.13 -13.32 -2.13
N ALA A 43 5.26 -13.09 -0.81
CA ALA A 43 5.38 -11.73 -0.26
C ALA A 43 6.44 -11.66 0.86
N ARG A 44 7.21 -10.58 0.89
CA ARG A 44 8.12 -10.35 2.01
C ARG A 44 7.25 -10.24 3.26
N ASP A 45 7.68 -10.86 4.35
CA ASP A 45 6.89 -10.83 5.58
C ASP A 45 6.97 -9.41 6.12
N PRO A 46 5.83 -8.69 6.15
CA PRO A 46 5.85 -7.30 6.62
C PRO A 46 6.38 -7.13 8.05
N ARG A 47 6.53 -8.22 8.79
CA ARG A 47 7.06 -8.20 10.13
C ARG A 47 8.40 -8.94 10.25
N ASN A 48 8.88 -9.54 9.16
CA ASN A 48 10.19 -10.17 9.11
C ASN A 48 10.75 -10.04 7.68
N ALA A 49 11.40 -8.92 7.42
CA ALA A 49 11.77 -8.50 6.06
C ALA A 49 12.83 -9.40 5.41
N THR A 50 13.57 -10.17 6.19
CA THR A 50 14.39 -11.19 5.56
C THR A 50 13.57 -12.42 5.09
N SER A 51 12.24 -12.42 5.27
CA SER A 51 11.43 -13.63 4.98
C SER A 51 10.48 -13.46 3.81
N VAL A 52 10.59 -14.32 2.80
CA VAL A 52 9.53 -14.42 1.75
C VAL A 52 8.58 -15.56 2.08
N CYS A 53 7.29 -15.26 2.11
CA CYS A 53 6.28 -16.21 2.53
C CYS A 53 5.20 -16.34 1.50
N ILE A 54 4.42 -17.41 1.56
CA ILE A 54 3.21 -17.53 0.72
C ILE A 54 2.11 -16.68 1.28
N ALA A 55 1.42 -15.99 0.38
CA ALA A 55 0.38 -15.05 0.75
C ALA A 55 -0.83 -15.27 -0.10
N THR A 56 -2.00 -14.94 0.42
CA THR A 56 -3.26 -15.05 -0.32
C THR A 56 -3.90 -13.70 -0.51
N VAL A 57 -4.54 -13.47 -1.64
CA VAL A 57 -5.31 -12.26 -1.79
C VAL A 57 -6.67 -12.39 -1.07
N ILE A 58 -6.86 -11.56 -0.06
CA ILE A 58 -8.09 -11.48 0.71
C ILE A 58 -9.07 -10.47 0.14
N GLY A 59 -8.54 -9.39 -0.43
CA GLY A 59 -9.38 -8.32 -0.97
C GLY A 59 -8.66 -7.54 -2.06
N ILE A 60 -9.45 -6.95 -2.96
CA ILE A 60 -8.97 -6.09 -4.02
C ILE A 60 -9.51 -4.68 -3.73
N THR A 61 -8.62 -3.70 -3.71
CA THR A 61 -9.06 -2.32 -3.66
C THR A 61 -8.13 -1.42 -4.47
N GLY A 62 -8.67 -0.90 -5.55
CA GLY A 62 -7.90 -0.06 -6.42
C GLY A 62 -6.80 -0.86 -7.01
N ALA A 63 -5.61 -0.26 -6.98
CA ALA A 63 -4.40 -0.87 -7.46
C ALA A 63 -3.74 -1.65 -6.39
N ARG A 64 -4.43 -1.83 -5.25
CA ARG A 64 -3.84 -2.54 -4.13
C ARG A 64 -4.48 -3.90 -3.85
N LEU A 65 -3.68 -4.78 -3.29
CA LEU A 65 -4.10 -6.07 -2.78
C LEU A 65 -4.05 -6.06 -1.24
N ARG A 66 -5.12 -6.52 -0.62
CA ARG A 66 -5.08 -6.89 0.77
C ARG A 66 -4.62 -8.35 0.89
N LEU A 67 -3.49 -8.55 1.54
CA LEU A 67 -2.84 -9.82 1.59
C LEU A 67 -2.81 -10.45 3.00
N ARG A 68 -2.77 -11.78 3.06
CA ARG A 68 -2.56 -12.46 4.33
C ARG A 68 -1.59 -13.60 4.14
N LEU A 69 -0.60 -13.69 5.03
CA LEU A 69 0.41 -14.73 4.95
C LEU A 69 -0.23 -16.02 5.33
N ASP A 70 -0.13 -17.02 4.45
CA ASP A 70 -0.78 -18.32 4.71
C ASP A 70 -0.25 -19.00 5.96
N GLY A 71 -1.20 -19.49 6.75
CA GLY A 71 -0.94 -20.09 8.02
C GLY A 71 -0.91 -19.14 9.20
N SER A 72 -1.15 -17.85 8.96
CA SER A 72 -1.21 -16.82 10.01
C SER A 72 -2.62 -16.61 10.45
N ASP A 73 -2.78 -15.87 11.55
CA ASP A 73 -4.10 -15.48 12.00
C ASP A 73 -4.63 -14.40 11.03
N ASN A 74 -5.85 -13.93 11.27
CA ASN A 74 -6.47 -12.92 10.44
C ASN A 74 -6.21 -11.49 10.94
N ARG A 75 -5.19 -11.32 11.76
CA ARG A 75 -5.00 -10.08 12.51
C ARG A 75 -3.93 -9.18 11.91
N ASN A 76 -3.20 -9.63 10.90
CA ASN A 76 -2.04 -8.87 10.42
C ASN A 76 -2.02 -8.74 8.93
N ASP A 77 -3.20 -8.65 8.34
CA ASP A 77 -3.31 -8.50 6.89
C ASP A 77 -2.70 -7.18 6.52
N PHE A 78 -2.00 -7.15 5.38
CA PHE A 78 -1.34 -5.96 4.91
C PHE A 78 -1.80 -5.64 3.49
N TRP A 79 -1.47 -4.43 3.04
CA TRP A 79 -1.84 -3.96 1.69
C TRP A 79 -0.63 -3.78 0.82
N ARG A 80 -0.72 -4.16 -0.47
CA ARG A 80 0.41 -3.95 -1.37
C ARG A 80 -0.08 -3.57 -2.72
N LEU A 81 0.60 -2.58 -3.30
CA LEU A 81 0.35 -2.20 -4.64
C LEU A 81 0.77 -3.34 -5.57
N VAL A 82 0.04 -3.53 -6.68
CA VAL A 82 0.39 -4.58 -7.64
C VAL A 82 1.73 -4.38 -8.28
N ASP A 83 2.29 -3.17 -8.20
CA ASP A 83 3.64 -2.93 -8.75
C ASP A 83 4.72 -2.79 -7.65
N SER A 84 4.44 -3.35 -6.49
CA SER A 84 5.40 -3.36 -5.39
C SER A 84 6.42 -4.48 -5.53
N PRO A 85 7.68 -4.19 -5.29
CA PRO A 85 8.67 -5.24 -5.38
C PRO A 85 8.62 -6.23 -4.22
N ASP A 86 7.74 -6.00 -3.25
CA ASP A 86 7.62 -6.90 -2.11
C ASP A 86 6.70 -8.07 -2.41
N ILE A 87 6.06 -8.08 -3.57
CA ILE A 87 5.30 -9.23 -3.99
C ILE A 87 5.82 -9.77 -5.31
N GLN A 88 5.69 -11.07 -5.50
CA GLN A 88 6.20 -11.71 -6.67
C GLN A 88 5.41 -13.01 -6.89
N PRO A 89 5.45 -13.54 -8.10
CA PRO A 89 4.66 -14.74 -8.36
C PRO A 89 5.23 -15.98 -7.71
N VAL A 90 4.34 -16.92 -7.41
CA VAL A 90 4.76 -18.16 -6.79
C VAL A 90 5.78 -18.85 -7.68
N GLY A 91 6.89 -19.27 -7.06
CA GLY A 91 7.98 -19.91 -7.82
C GLY A 91 9.17 -19.00 -8.02
N THR A 92 9.05 -17.73 -7.62
CA THR A 92 10.14 -16.84 -7.80
C THR A 92 11.33 -17.28 -6.88
N CYS A 93 11.13 -17.41 -5.58
CA CYS A 93 12.19 -17.99 -4.71
C CYS A 93 12.83 -19.22 -5.31
N GLU A 94 12.02 -20.16 -5.76
CA GLU A 94 12.52 -21.40 -6.27
C GLU A 94 13.45 -21.14 -7.43
N LYS A 95 13.01 -20.24 -8.32
CA LYS A 95 13.77 -19.81 -9.48
C LYS A 95 15.09 -19.23 -9.04
N GLU A 96 15.04 -18.34 -8.04
CA GLU A 96 16.23 -17.65 -7.50
C GLU A 96 17.15 -18.60 -6.75
N GLY A 97 16.65 -19.75 -6.31
CA GLY A 97 17.38 -20.60 -5.39
C GLY A 97 17.17 -20.24 -3.91
N ASP A 98 16.23 -19.34 -3.61
CA ASP A 98 15.90 -18.94 -2.22
C ASP A 98 14.97 -19.94 -1.54
N LEU A 99 14.81 -19.80 -0.21
CA LEU A 99 13.90 -20.63 0.61
C LEU A 99 12.58 -19.88 0.81
N LEU A 100 11.47 -20.60 0.87
CA LEU A 100 10.20 -20.01 1.32
C LEU A 100 10.11 -20.17 2.86
N GLN A 101 9.78 -19.11 3.55
CA GLN A 101 9.78 -19.18 5.00
C GLN A 101 8.39 -19.24 5.56
N PRO A 102 8.23 -19.82 6.74
CA PRO A 102 6.98 -19.62 7.47
C PRO A 102 6.82 -18.18 7.99
N PRO A 103 5.58 -17.72 8.09
CA PRO A 103 5.29 -16.43 8.63
C PRO A 103 5.58 -16.32 10.11
N LEU A 104 5.82 -15.11 10.57
CA LEU A 104 6.02 -14.85 11.97
C LEU A 104 4.78 -15.26 12.74
N GLY A 105 3.61 -14.93 12.25
CA GLY A 105 2.36 -15.31 12.94
C GLY A 105 1.91 -16.78 12.86
N TYR A 106 2.83 -17.70 12.55
CA TYR A 106 2.50 -19.09 12.16
C TYR A 106 1.91 -19.87 13.29
N GLN A 107 0.80 -20.55 13.02
CA GLN A 107 -0.11 -21.01 14.07
C GLN A 107 -0.03 -22.47 14.42
N MET A 108 0.72 -23.24 13.65
CA MET A 108 0.93 -24.64 13.94
C MET A 108 2.31 -24.88 14.53
N ASN A 109 2.53 -26.03 15.14
CA ASN A 109 3.87 -26.43 15.60
C ASN A 109 4.86 -26.19 14.46
N THR A 110 6.04 -25.66 14.76
CA THR A 110 6.97 -25.19 13.71
C THR A 110 7.45 -26.32 12.75
N SER A 111 7.61 -27.53 13.27
CA SER A 111 8.12 -28.62 12.46
C SER A 111 7.14 -29.05 11.36
N SER A 112 5.91 -28.54 11.43
CA SER A 112 4.86 -28.87 10.49
C SER A 112 5.00 -28.15 9.18
N TRP A 113 5.82 -27.09 9.18
CA TRP A 113 5.98 -26.24 8.03
C TRP A 113 6.04 -26.95 6.69
N PRO A 114 6.99 -27.87 6.50
CA PRO A 114 7.12 -28.50 5.18
C PRO A 114 5.85 -29.09 4.66
N MET A 115 5.07 -29.73 5.53
CA MET A 115 3.83 -30.39 5.12
C MET A 115 2.81 -29.35 4.79
N PHE A 116 2.67 -28.37 5.64
CA PHE A 116 1.75 -27.26 5.35
C PHE A 116 2.03 -26.58 4.00
N LEU A 117 3.29 -26.37 3.70
CA LEU A 117 3.66 -25.79 2.42
C LEU A 117 3.15 -26.64 1.29
N LEU A 118 3.42 -27.92 1.38
CA LEU A 118 2.91 -28.93 0.42
C LEU A 118 1.38 -28.83 0.30
N GLU A 119 0.70 -28.71 1.44
CA GLU A 119 -0.75 -28.72 1.47
C GLU A 119 -1.32 -27.46 0.86
N THR A 120 -0.77 -26.29 1.17
CA THR A 120 -1.36 -25.04 0.71
C THR A 120 -1.04 -24.72 -0.75
N LEU A 121 0.13 -25.16 -1.24
CA LEU A 121 0.47 -24.92 -2.64
C LEU A 121 -0.27 -25.82 -3.63
N ASN A 122 -0.60 -27.07 -3.26
CA ASN A 122 -1.37 -27.96 -4.17
C ASN A 122 -2.75 -27.44 -4.59
N GLY A 123 -3.04 -27.49 -5.88
CA GLY A 123 -4.34 -26.99 -6.43
C GLY A 123 -4.67 -25.51 -6.17
N SER A 124 -3.65 -24.70 -5.90
CA SER A 124 -3.91 -23.30 -5.61
C SER A 124 -4.08 -22.56 -6.94
N GLU A 125 -4.76 -21.42 -6.91
CA GLU A 125 -4.77 -20.51 -8.04
C GLU A 125 -3.59 -19.59 -7.81
N MET A 126 -2.59 -19.68 -8.66
CA MET A 126 -1.42 -18.84 -8.54
C MET A 126 -1.52 -17.61 -9.43
N ALA A 127 -1.15 -16.48 -8.88
CA ALA A 127 -1.18 -15.25 -9.60
C ALA A 127 -0.17 -15.40 -10.71
N SER A 128 -0.65 -15.26 -11.93
CA SER A 128 0.21 -15.22 -13.07
C SER A 128 1.16 -14.01 -13.08
N ALA A 129 2.39 -14.24 -13.54
CA ALA A 129 3.44 -13.24 -13.67
C ALA A 129 2.96 -11.92 -14.26
N THR A 130 2.15 -11.99 -15.30
CA THR A 130 1.77 -10.80 -16.03
C THR A 130 0.97 -9.84 -15.21
N LEU A 131 0.31 -10.35 -14.17
CA LEU A 131 -0.43 -9.51 -13.25
C LEU A 131 0.47 -8.56 -12.45
N PHE A 132 1.76 -8.90 -12.33
CA PHE A 132 2.69 -8.15 -11.47
C PHE A 132 3.30 -7.07 -12.33
N LYS A 133 3.20 -5.82 -11.91
CA LYS A 133 3.52 -4.72 -12.81
C LYS A 133 4.91 -4.10 -12.57
N LYS A 134 5.44 -3.48 -13.62
CA LYS A 134 6.76 -2.83 -13.60
C LYS A 134 6.81 -1.88 -12.44
N GLU A 135 7.83 -1.99 -11.60
CA GLU A 135 8.02 -1.05 -10.52
C GLU A 135 8.36 0.30 -11.16
N PRO A 136 7.78 1.40 -10.65
CA PRO A 136 8.13 2.67 -11.31
C PRO A 136 9.49 3.18 -10.81
N PRO A 137 10.15 4.02 -11.60
CA PRO A 137 11.47 4.52 -11.23
C PRO A 137 11.44 5.56 -10.08
N LYS A 138 12.52 5.57 -9.32
CA LYS A 138 12.74 6.54 -8.26
C LYS A 138 13.04 7.90 -8.92
N PRO A 139 12.24 8.94 -8.62
CA PRO A 139 12.71 10.27 -9.03
C PRO A 139 14.09 10.55 -8.40
N PRO A 140 14.97 11.24 -9.12
CA PRO A 140 16.31 11.38 -8.60
C PRO A 140 16.41 12.45 -7.54
N LEU A 141 15.41 13.34 -7.42
CA LEU A 141 15.43 14.35 -6.38
C LEU A 141 14.13 14.39 -5.55
N ASN A 142 14.25 14.97 -4.36
CA ASN A 142 13.11 15.25 -3.52
C ASN A 142 12.59 16.59 -3.99
N ASN A 143 11.43 16.60 -4.61
CA ASN A 143 10.90 17.82 -5.18
C ASN A 143 9.68 18.29 -4.46
N PHE A 144 9.31 17.64 -3.39
CA PHE A 144 8.19 18.11 -2.62
C PHE A 144 8.52 19.46 -1.96
N LYS A 145 7.49 20.29 -1.80
CA LYS A 145 7.60 21.55 -1.08
C LYS A 145 6.54 21.59 0.01
N VAL A 146 6.85 22.19 1.13
CA VAL A 146 5.85 22.32 2.18
C VAL A 146 4.51 22.88 1.67
N GLY A 147 3.41 22.36 2.20
CA GLY A 147 2.07 22.80 1.81
C GLY A 147 1.50 22.05 0.62
N MET A 148 2.32 21.32 -0.15
CA MET A 148 1.82 20.58 -1.30
C MET A 148 0.86 19.50 -0.79
N LYS A 149 -0.30 19.42 -1.44
CA LYS A 149 -1.33 18.44 -1.11
C LYS A 149 -1.10 17.16 -1.94
N LEU A 150 -1.49 16.02 -1.36
CA LEU A 150 -1.32 14.69 -1.98
C LEU A 150 -2.31 13.72 -1.37
N GLU A 151 -2.31 12.48 -1.87
CA GLU A 151 -3.15 11.38 -1.35
C GLU A 151 -2.27 10.36 -0.70
N ALA A 152 -2.51 10.01 0.57
CA ALA A 152 -1.60 9.10 1.30
C ALA A 152 -2.29 8.03 2.15
N ILE A 153 -1.61 6.88 2.32
CA ILE A 153 -2.13 5.81 3.16
C ILE A 153 -1.96 6.19 4.59
N ASP A 154 -3.01 6.05 5.38
CA ASP A 154 -2.92 6.16 6.84
C ASP A 154 -2.18 4.97 7.39
N LYS A 155 -0.88 5.12 7.62
CA LYS A 155 -0.06 4.01 8.10
C LYS A 155 -0.68 3.32 9.27
N LYS A 156 -1.36 4.07 10.15
CA LYS A 156 -2.02 3.45 11.32
C LYS A 156 -3.33 2.71 10.99
N ASN A 157 -3.81 2.82 9.73
CA ASN A 157 -5.06 2.22 9.26
C ASN A 157 -5.00 2.08 7.72
N PRO A 158 -4.19 1.16 7.22
CA PRO A 158 -3.77 1.29 5.81
C PRO A 158 -4.76 0.86 4.75
N TYR A 159 -5.94 0.45 5.14
CA TYR A 159 -7.00 0.25 4.16
C TYR A 159 -7.40 1.64 3.66
N LEU A 160 -7.05 2.68 4.43
CA LEU A 160 -7.51 4.04 4.18
C LEU A 160 -6.49 4.97 3.47
N ILE A 161 -6.95 5.59 2.38
CA ILE A 161 -6.19 6.58 1.70
C ILE A 161 -6.90 7.92 1.84
N CYS A 162 -6.13 8.95 2.19
CA CYS A 162 -6.72 10.17 2.70
C CYS A 162 -6.01 11.37 2.12
N PRO A 163 -6.70 12.52 2.06
CA PRO A 163 -6.04 13.74 1.66
C PRO A 163 -5.04 14.18 2.72
N ALA A 164 -3.84 14.55 2.29
CA ALA A 164 -2.74 14.88 3.18
C ALA A 164 -1.90 16.00 2.60
N THR A 165 -1.07 16.61 3.44
CA THR A 165 -0.29 17.79 3.11
C THR A 165 1.13 17.54 3.53
N ILE A 166 2.08 18.06 2.74
CA ILE A 166 3.48 18.04 3.16
C ILE A 166 3.70 19.13 4.24
N GLY A 167 4.09 18.72 5.46
CA GLY A 167 4.30 19.65 6.56
C GLY A 167 5.74 20.11 6.71
N ASP A 168 6.67 19.25 6.30
CA ASP A 168 8.11 19.52 6.37
C ASP A 168 8.77 18.75 5.25
N VAL A 169 9.93 19.22 4.83
CA VAL A 169 10.75 18.52 3.85
C VAL A 169 12.15 18.60 4.36
N LYS A 170 12.80 17.46 4.51
CA LYS A 170 14.13 17.41 5.10
C LYS A 170 14.97 16.33 4.46
N GLY A 171 15.93 16.73 3.63
CA GLY A 171 16.77 15.79 2.91
C GLY A 171 15.92 14.91 2.03
N ASP A 172 16.18 13.61 2.07
CA ASP A 172 15.38 12.65 1.30
C ASP A 172 14.01 12.28 1.91
N GLU A 173 13.55 13.05 2.92
CA GLU A 173 12.33 12.73 3.68
C GLU A 173 11.26 13.85 3.66
N VAL A 174 10.01 13.43 3.85
CA VAL A 174 8.87 14.35 3.91
C VAL A 174 8.00 14.00 5.10
N HIS A 175 7.40 15.02 5.73
CA HIS A 175 6.53 14.78 6.87
C HIS A 175 5.11 14.90 6.41
N ILE A 176 4.35 13.83 6.59
CA ILE A 176 2.96 13.73 6.06
C ILE A 176 1.98 13.97 7.18
N THR A 177 1.08 14.91 6.94
CA THR A 177 0.03 15.24 7.89
C THR A 177 -1.30 15.07 7.17
N PHE A 178 -2.33 14.72 7.91
CA PHE A 178 -3.58 14.34 7.32
C PHE A 178 -4.58 15.39 7.63
N ASP A 179 -5.05 16.05 6.61
CA ASP A 179 -5.97 17.16 6.75
C ASP A 179 -7.17 16.77 7.60
N GLY A 180 -7.37 17.48 8.69
CA GLY A 180 -8.52 17.25 9.57
C GLY A 180 -8.28 16.18 10.60
N TRP A 181 -7.01 15.79 10.78
CA TRP A 181 -6.63 14.86 11.84
C TRP A 181 -5.48 15.40 12.65
N SER A 182 -5.35 14.92 13.89
CA SER A 182 -4.30 15.42 14.76
C SER A 182 -2.95 14.84 14.36
N GLY A 183 -1.92 15.14 15.14
CA GLY A 183 -0.56 14.62 14.91
C GLY A 183 -0.43 13.12 15.18
N ALA A 184 -1.38 12.54 15.88
CA ALA A 184 -1.33 11.14 16.13
C ALA A 184 -1.21 10.38 14.81
N PHE A 185 -1.67 10.98 13.70
CA PHE A 185 -1.71 10.28 12.39
C PHE A 185 -0.63 10.73 11.39
N ASP A 186 0.26 11.61 11.84
CA ASP A 186 1.31 12.12 11.01
C ASP A 186 2.36 11.09 10.85
N TYR A 187 3.13 11.18 9.77
CA TYR A 187 4.35 10.40 9.71
C TYR A 187 5.35 10.88 8.72
N TRP A 188 6.59 10.49 8.98
CA TRP A 188 7.70 10.71 8.07
C TRP A 188 7.85 9.55 7.12
N CYS A 189 7.97 9.80 5.83
CA CYS A 189 8.47 8.76 4.92
C CYS A 189 9.51 9.34 3.96
N LYS A 190 10.19 8.48 3.21
CA LYS A 190 11.11 8.97 2.18
C LYS A 190 10.26 9.52 1.05
N TYR A 191 10.79 10.48 0.30
CA TYR A 191 10.04 11.06 -0.81
C TYR A 191 9.59 9.99 -1.82
N ASP A 192 10.40 8.95 -2.01
CA ASP A 192 10.05 7.85 -2.94
C ASP A 192 9.26 6.71 -2.28
N SER A 193 8.56 7.01 -1.19
CA SER A 193 7.69 6.04 -0.55
C SER A 193 6.53 5.64 -1.45
N ARG A 194 6.06 4.41 -1.28
CA ARG A 194 4.97 3.90 -2.11
C ARG A 194 3.62 4.06 -1.44
N ASP A 195 3.62 4.75 -0.32
CA ASP A 195 2.43 4.89 0.47
C ASP A 195 1.79 6.24 0.24
N ILE A 196 2.41 7.05 -0.63
CA ILE A 196 1.92 8.36 -0.98
C ILE A 196 1.72 8.43 -2.52
N PHE A 197 0.72 9.24 -2.92
CA PHE A 197 0.19 9.28 -4.28
C PHE A 197 -0.20 10.72 -4.64
N PRO A 198 -0.20 11.03 -5.93
CA PRO A 198 -0.60 12.35 -6.30
C PRO A 198 -2.09 12.39 -6.31
N ALA A 199 -2.67 13.55 -6.03
CA ALA A 199 -4.11 13.76 -6.14
C ALA A 199 -4.60 13.24 -7.46
N GLY A 200 -5.70 12.49 -7.43
CA GLY A 200 -6.29 11.94 -8.65
C GLY A 200 -6.06 10.44 -8.73
N TRP A 201 -5.20 9.94 -7.87
CA TRP A 201 -4.91 8.51 -7.85
C TRP A 201 -6.11 7.64 -7.58
N CYS A 202 -6.86 7.96 -6.54
CA CYS A 202 -8.01 7.18 -6.23
C CYS A 202 -9.00 7.15 -7.35
N ARG A 203 -9.33 8.32 -7.90
CA ARG A 203 -10.24 8.43 -9.08
C ARG A 203 -9.76 7.46 -10.17
N LEU A 204 -8.49 7.59 -10.54
CA LEU A 204 -7.89 6.78 -11.61
C LEU A 204 -7.94 5.26 -11.37
N THR A 205 -7.50 4.85 -10.19
CA THR A 205 -7.42 3.46 -9.82
C THR A 205 -8.76 2.82 -9.43
N GLY A 206 -9.80 3.64 -9.24
CA GLY A 206 -11.09 3.17 -8.69
C GLY A 206 -11.07 2.84 -7.19
N ASP A 207 -10.06 3.33 -6.47
CA ASP A 207 -9.96 3.14 -5.00
C ASP A 207 -10.87 4.20 -4.41
N VAL A 208 -11.03 4.24 -3.09
CA VAL A 208 -11.81 5.35 -2.46
C VAL A 208 -10.93 6.31 -1.66
N LEU A 209 -11.06 7.61 -1.93
CA LEU A 209 -10.37 8.63 -1.15
C LEU A 209 -11.25 9.08 0.02
N GLN A 210 -10.67 9.09 1.20
CA GLN A 210 -11.40 9.43 2.41
C GLN A 210 -11.64 10.90 2.47
N PRO A 211 -12.77 11.32 2.98
CA PRO A 211 -12.92 12.77 3.15
C PRO A 211 -11.95 13.32 4.22
N PRO A 212 -11.64 14.63 4.18
CA PRO A 212 -10.88 15.22 5.30
C PRO A 212 -11.61 15.06 6.63
N GLY A 213 -10.90 15.29 7.72
CA GLY A 213 -11.43 15.03 9.06
C GLY A 213 -12.55 15.95 9.49
N THR A 214 -12.56 17.17 8.95
CA THR A 214 -13.43 18.21 9.43
C THR A 214 -14.35 18.76 8.34
N VAL B 1 -25.67 20.67 13.09
CA VAL B 1 -25.60 19.58 12.07
C VAL B 1 -24.52 18.54 12.43
N HIS B 2 -23.28 18.84 12.04
N HIS B 2 -22.05 17.41 11.09
CA HIS B 2 -22.13 17.90 12.09
CA HIS B 2 -22.47 17.92 12.39
C HIS B 2 -21.85 17.18 13.39
C HIS B 2 -21.83 17.16 13.54
N ARG B 3 -21.17 16.04 13.26
CA ARG B 3 -20.40 15.39 14.32
CA ARG B 3 -20.39 15.34 14.29
C ARG B 3 -19.01 15.06 13.72
N LEU B 4 -18.00 14.95 14.57
CA LEU B 4 -16.65 14.67 14.04
C LEU B 4 -16.60 13.26 13.47
N LEU B 5 -15.96 13.12 12.31
CA LEU B 5 -15.89 11.84 11.59
C LEU B 5 -15.02 10.81 12.29
N ARG B 6 -15.47 9.54 12.34
CA ARG B 6 -14.63 8.41 12.79
C ARG B 6 -13.82 7.91 11.56
N MLZ B 7 -13.00 6.85 11.73
CA MLZ B 7 -12.32 6.16 10.57
CB MLZ B 7 -10.83 6.00 10.90
CG MLZ B 7 -10.15 7.35 11.02
CD MLZ B 7 -8.64 7.35 10.77
CE MLZ B 7 -8.30 8.17 9.53
NZ MLZ B 7 -7.05 8.86 9.64
CM MLZ B 7 -6.26 9.12 8.47
C MLZ B 7 -12.88 4.78 10.28
O MLZ B 7 -12.87 3.91 11.15
N GLY B 8 -13.34 4.56 9.04
CA GLY B 8 -14.09 3.32 8.68
C GLY B 8 -13.32 2.01 8.71
#